data_7S79
#
_entry.id   7S79
#
_cell.length_a   65.860
_cell.length_b   65.860
_cell.length_c   238.857
_cell.angle_alpha   90.000
_cell.angle_beta   90.000
_cell.angle_gamma   90.000
#
_symmetry.space_group_name_H-M   'P 41 21 2'
#
loop_
_entity.id
_entity.type
_entity.pdbx_description
1 polymer 'HLA class I histocompatibility antigen, B-7 alpha chain'
2 polymer Beta-2-microglobulin
3 polymer 'MLL cleavage product N320'
4 non-polymer GLYCEROL
5 non-polymer 'SODIUM ION'
6 water water
#
loop_
_entity_poly.entity_id
_entity_poly.type
_entity_poly.pdbx_seq_one_letter_code
_entity_poly.pdbx_strand_id
1 'polypeptide(L)'
;GSHSMRYFYTSVSRPGRGEPRFISVGYVDDTQFVRFDSDAASPREEPRAPWIEQEGPEYWDRNTQIYKAQAQTDRESLRN
LRGYYNQSEAGSHTLQSMYGCDVGPDGRLLRGHDQYAYDGKDYIALNEDLRSWTAADTAAQITQRKWEAAREAEQRRAYL
EGECVEWLRRYLENGKDKLERADPPKTHVTHHPISDHEATLRCWALGFYPAEITLTWQRDGEDQTQDTELVETRPAGDRT
FQKWAAVVVPSGEEQRYTCHVQHEGLPKPLTLRWE
;
A
2 'polypeptide(L)'
;MIQRTPKIQVYSRHPAENGKSNFLNCYVSGFHPSDIEVDLLKNGERIEKVEHSDLSFSKDWSFYLLYYTEFTPTEKDEYA
CRVNHVTLSQPKIVKWDRDM
;
B
3 'polypeptide(L)' EPR(E7P)PSHSM E
#
loop_
_chem_comp.id
_chem_comp.type
_chem_comp.name
_chem_comp.formula
E7P non-polymer '(2S)-2-amino-4-phosphonobutanoic acid' 'C4 H10 N O5 P'
GOL non-polymer GLYCEROL 'C3 H8 O3'
NA non-polymer 'SODIUM ION' 'Na 1'
#
# COMPACT_ATOMS: atom_id res chain seq x y z
N GLY A 1 -19.81 1.20 -10.52
CA GLY A 1 -18.72 2.23 -10.58
C GLY A 1 -17.54 1.70 -11.39
N SER A 2 -16.52 2.55 -11.63
CA SER A 2 -15.21 2.13 -12.21
C SER A 2 -14.40 1.38 -11.15
N HIS A 3 -13.63 0.38 -11.58
CA HIS A 3 -12.89 -0.50 -10.63
C HIS A 3 -11.57 -0.93 -11.23
N SER A 4 -10.69 -1.41 -10.37
N SER A 4 -10.64 -1.36 -10.37
CA SER A 4 -9.39 -1.97 -10.82
CA SER A 4 -9.30 -1.87 -10.76
C SER A 4 -9.07 -3.24 -10.06
C SER A 4 -9.01 -3.19 -10.05
N MET A 5 -8.28 -4.10 -10.71
CA MET A 5 -7.66 -5.25 -10.03
C MET A 5 -6.14 -5.11 -10.25
N ARG A 6 -5.35 -5.41 -9.22
CA ARG A 6 -3.89 -5.30 -9.35
C ARG A 6 -3.26 -6.46 -8.60
N TYR A 7 -2.20 -7.01 -9.19
CA TYR A 7 -1.28 -7.95 -8.52
C TYR A 7 0.09 -7.27 -8.42
N PHE A 8 0.72 -7.41 -7.27
CA PHE A 8 2.01 -6.80 -6.92
C PHE A 8 2.94 -7.93 -6.47
N TYR A 9 4.03 -8.16 -7.20
CA TYR A 9 5.05 -9.16 -6.85
C TYR A 9 6.33 -8.45 -6.43
N THR A 10 6.99 -8.96 -5.42
CA THR A 10 8.31 -8.51 -4.98
C THR A 10 9.21 -9.74 -4.86
N SER A 11 10.32 -9.78 -5.58
CA SER A 11 11.35 -10.82 -5.44
C SER A 11 12.63 -10.16 -4.97
N VAL A 12 13.27 -10.71 -3.95
CA VAL A 12 14.47 -10.11 -3.35
C VAL A 12 15.53 -11.19 -3.27
N SER A 13 16.63 -11.04 -3.99
CA SER A 13 17.71 -12.05 -3.93
C SER A 13 18.46 -11.92 -2.62
N ARG A 14 19.12 -13.02 -2.26
CA ARG A 14 19.90 -13.12 -1.00
C ARG A 14 20.99 -14.15 -1.25
N PRO A 15 21.93 -13.84 -2.16
CA PRO A 15 22.89 -14.86 -2.57
C PRO A 15 23.69 -15.41 -1.38
N GLY A 16 23.77 -16.73 -1.32
CA GLY A 16 24.45 -17.38 -0.19
C GLY A 16 23.48 -17.83 0.85
N ARG A 17 22.23 -17.34 0.83
CA ARG A 17 21.21 -17.69 1.84
CA ARG A 17 21.21 -17.70 1.84
C ARG A 17 20.03 -18.42 1.19
N GLY A 18 20.15 -18.85 -0.07
CA GLY A 18 19.13 -19.61 -0.79
C GLY A 18 18.41 -18.80 -1.84
N GLU A 19 17.30 -19.35 -2.32
CA GLU A 19 16.56 -18.77 -3.46
C GLU A 19 15.94 -17.46 -3.01
N PRO A 20 15.72 -16.53 -3.96
CA PRO A 20 15.07 -15.27 -3.61
C PRO A 20 13.73 -15.47 -2.94
N ARG A 21 13.41 -14.56 -2.01
CA ARG A 21 12.07 -14.51 -1.42
C ARG A 21 11.10 -13.90 -2.43
N PHE A 22 9.94 -14.51 -2.67
CA PHE A 22 8.89 -14.03 -3.58
C PHE A 22 7.63 -13.80 -2.74
N ILE A 23 7.09 -12.59 -2.80
CA ILE A 23 5.84 -12.20 -2.13
C ILE A 23 4.90 -11.67 -3.18
N SER A 24 3.65 -12.12 -3.20
CA SER A 24 2.61 -11.52 -4.05
CA SER A 24 2.62 -11.49 -4.04
C SER A 24 1.46 -11.06 -3.17
N VAL A 25 0.86 -9.96 -3.57
CA VAL A 25 -0.45 -9.51 -3.01
C VAL A 25 -1.35 -9.16 -4.17
N GLY A 26 -2.66 -9.38 -3.99
CA GLY A 26 -3.68 -8.95 -4.94
C GLY A 26 -4.65 -7.97 -4.32
N TYR A 27 -5.06 -7.00 -5.10
CA TYR A 27 -6.01 -5.95 -4.67
C TYR A 27 -7.15 -5.84 -5.67
N VAL A 28 -8.35 -5.60 -5.15
CA VAL A 28 -9.45 -4.97 -5.94
C VAL A 28 -9.59 -3.55 -5.37
N ASP A 29 -9.47 -2.54 -6.22
CA ASP A 29 -9.44 -1.15 -5.74
C ASP A 29 -8.47 -1.05 -4.55
N ASP A 30 -8.91 -0.56 -3.39
CA ASP A 30 -8.01 -0.40 -2.23
C ASP A 30 -8.13 -1.55 -1.23
N THR A 31 -8.75 -2.65 -1.63
CA THR A 31 -8.93 -3.82 -0.76
C THR A 31 -8.00 -4.97 -1.16
N GLN A 32 -7.12 -5.36 -0.24
CA GLN A 32 -6.25 -6.53 -0.47
C GLN A 32 -7.09 -7.78 -0.29
N PHE A 33 -6.98 -8.74 -1.20
CA PHE A 33 -7.85 -9.94 -1.08
C PHE A 33 -7.05 -11.24 -1.10
N VAL A 34 -5.80 -11.26 -1.57
CA VAL A 34 -4.97 -12.50 -1.50
C VAL A 34 -3.50 -12.15 -1.18
N ARG A 35 -2.77 -13.14 -0.72
CA ARG A 35 -1.30 -13.06 -0.56
C ARG A 35 -0.67 -14.42 -0.84
N PHE A 36 0.62 -14.39 -1.15
CA PHE A 36 1.47 -15.60 -1.22
C PHE A 36 2.85 -15.19 -0.74
N ASP A 37 3.51 -16.04 0.02
CA ASP A 37 4.87 -15.80 0.53
C ASP A 37 5.69 -17.08 0.38
N SER A 38 6.74 -17.04 -0.42
CA SER A 38 7.59 -18.23 -0.72
C SER A 38 8.31 -18.74 0.53
N ASP A 39 8.44 -17.93 1.57
CA ASP A 39 9.14 -18.34 2.80
C ASP A 39 8.13 -18.90 3.82
N ALA A 40 6.84 -18.96 3.51
CA ALA A 40 5.84 -19.55 4.45
C ALA A 40 6.14 -21.04 4.62
N ALA A 41 5.72 -21.63 5.75
CA ALA A 41 5.98 -23.05 6.11
C ALA A 41 5.56 -23.95 4.95
N SER A 42 4.31 -23.79 4.50
CA SER A 42 3.73 -24.50 3.32
C SER A 42 3.12 -23.47 2.37
N PRO A 43 3.94 -22.82 1.53
CA PRO A 43 3.48 -21.69 0.71
C PRO A 43 2.23 -21.98 -0.12
N ARG A 44 1.21 -21.14 0.03
CA ARG A 44 -0.04 -21.23 -0.73
C ARG A 44 -0.65 -19.84 -0.81
N GLU A 45 -1.45 -19.61 -1.83
CA GLU A 45 -2.29 -18.41 -1.91
C GLU A 45 -3.26 -18.46 -0.74
N GLU A 46 -3.42 -17.35 -0.02
CA GLU A 46 -4.25 -17.29 1.21
C GLU A 46 -5.23 -16.13 1.04
N PRO A 47 -6.47 -16.28 1.50
CA PRO A 47 -7.42 -15.17 1.51
C PRO A 47 -7.08 -14.08 2.51
N ARG A 48 -7.39 -12.84 2.10
CA ARG A 48 -7.18 -11.63 2.95
C ARG A 48 -8.41 -10.73 2.93
N ALA A 49 -9.50 -11.15 2.29
CA ALA A 49 -10.81 -10.45 2.34
C ALA A 49 -11.90 -11.50 2.48
N PRO A 50 -12.98 -11.22 3.23
CA PRO A 50 -13.98 -12.27 3.45
C PRO A 50 -14.63 -12.82 2.17
N TRP A 51 -14.86 -11.98 1.16
CA TRP A 51 -15.66 -12.32 -0.05
C TRP A 51 -14.88 -13.24 -0.98
N ILE A 52 -13.56 -13.40 -0.79
CA ILE A 52 -12.81 -14.34 -1.67
C ILE A 52 -12.85 -15.77 -1.07
N GLU A 53 -13.26 -15.92 0.19
CA GLU A 53 -13.17 -17.22 0.91
C GLU A 53 -14.07 -18.26 0.22
N GLN A 54 -15.08 -17.81 -0.51
CA GLN A 54 -16.06 -18.72 -1.17
C GLN A 54 -15.49 -19.39 -2.42
N GLU A 55 -14.34 -18.94 -2.93
CA GLU A 55 -13.75 -19.57 -4.12
C GLU A 55 -13.34 -21.00 -3.73
N GLY A 56 -13.57 -21.94 -4.65
CA GLY A 56 -13.38 -23.37 -4.39
C GLY A 56 -11.92 -23.77 -4.36
N PRO A 57 -11.61 -25.03 -3.95
CA PRO A 57 -10.24 -25.53 -3.92
C PRO A 57 -9.47 -25.44 -5.25
N GLU A 58 -10.12 -25.57 -6.39
CA GLU A 58 -9.43 -25.51 -7.72
C GLU A 58 -8.81 -24.11 -7.92
N TYR A 59 -9.48 -23.09 -7.40
CA TYR A 59 -9.01 -21.68 -7.47
C TYR A 59 -7.68 -21.57 -6.73
N TRP A 60 -7.70 -21.90 -5.43
CA TRP A 60 -6.53 -21.78 -4.52
C TRP A 60 -5.39 -22.63 -5.05
N ASP A 61 -5.74 -23.81 -5.55
CA ASP A 61 -4.66 -24.70 -6.18
CA ASP A 61 -4.71 -24.69 -6.16
C ASP A 61 -3.90 -24.22 -7.43
N ARG A 62 -4.70 -23.69 -8.35
CA ARG A 62 -4.19 -23.12 -9.62
C ARG A 62 -3.30 -21.92 -9.28
N ASN A 63 -3.79 -21.07 -8.38
CA ASN A 63 -3.05 -19.82 -8.06
C ASN A 63 -1.73 -20.14 -7.33
N THR A 64 -1.77 -21.06 -6.40
CA THR A 64 -0.58 -21.48 -5.64
C THR A 64 0.47 -22.00 -6.62
N GLN A 65 0.07 -22.84 -7.56
CA GLN A 65 1.03 -23.37 -8.56
C GLN A 65 1.61 -22.23 -9.39
N ILE A 66 0.79 -21.24 -9.76
CA ILE A 66 1.26 -20.07 -10.56
C ILE A 66 2.35 -19.33 -9.76
N TYR A 67 2.10 -19.05 -8.50
CA TYR A 67 3.06 -18.24 -7.70
C TYR A 67 4.38 -19.00 -7.55
N LYS A 68 4.31 -20.32 -7.34
CA LYS A 68 5.52 -21.14 -7.15
C LYS A 68 6.37 -21.09 -8.44
N ALA A 69 5.72 -21.18 -9.58
CA ALA A 69 6.38 -21.14 -10.89
C ALA A 69 6.92 -19.74 -11.13
N GLN A 70 6.14 -18.71 -10.80
CA GLN A 70 6.61 -17.31 -11.03
C GLN A 70 7.81 -17.01 -10.14
N ALA A 71 7.85 -17.52 -8.91
CA ALA A 71 9.02 -17.33 -8.03
C ALA A 71 10.27 -17.89 -8.73
N GLN A 72 10.19 -19.07 -9.35
CA GLN A 72 11.36 -19.67 -10.02
C GLN A 72 11.72 -18.82 -11.23
N THR A 73 10.73 -18.32 -11.96
CA THR A 73 10.96 -17.45 -13.14
C THR A 73 11.63 -16.15 -12.71
N ASP A 74 11.14 -15.54 -11.65
CA ASP A 74 11.79 -14.31 -11.12
C ASP A 74 13.24 -14.60 -10.68
N ARG A 75 13.50 -15.77 -10.10
CA ARG A 75 14.88 -16.12 -9.69
CA ARG A 75 14.88 -16.16 -9.69
C ARG A 75 15.78 -16.11 -10.93
N GLU A 76 15.30 -16.67 -12.03
CA GLU A 76 16.04 -16.67 -13.32
C GLU A 76 16.20 -15.23 -13.82
N SER A 77 15.15 -14.46 -13.76
CA SER A 77 15.22 -13.03 -14.18
C SER A 77 16.27 -12.27 -13.36
N LEU A 78 16.30 -12.45 -12.05
CA LEU A 78 17.30 -11.76 -11.22
C LEU A 78 18.72 -12.19 -11.61
N ARG A 79 18.93 -13.46 -11.92
CA ARG A 79 20.26 -13.92 -12.40
C ARG A 79 20.61 -13.21 -13.71
N ASN A 80 19.65 -13.11 -14.59
CA ASN A 80 19.90 -12.51 -15.93
C ASN A 80 20.19 -11.02 -15.77
N LEU A 81 19.45 -10.31 -14.94
N LEU A 81 19.37 -10.35 -14.97
CA LEU A 81 19.57 -8.83 -14.82
CA LEU A 81 19.48 -8.89 -14.73
C LEU A 81 20.86 -8.43 -14.10
C LEU A 81 20.89 -8.57 -14.23
N ARG A 82 21.39 -9.23 -13.18
CA ARG A 82 22.69 -8.85 -12.60
C ARG A 82 23.75 -9.07 -13.69
N GLY A 83 23.56 -10.05 -14.56
CA GLY A 83 24.44 -10.26 -15.73
C GLY A 83 24.37 -9.10 -16.69
N TYR A 84 23.18 -8.63 -17.04
CA TYR A 84 23.02 -7.50 -17.99
C TYR A 84 23.72 -6.25 -17.48
N TYR A 85 23.69 -5.99 -16.17
CA TYR A 85 24.22 -4.78 -15.53
C TYR A 85 25.65 -4.99 -14.99
N ASN A 86 26.22 -6.16 -15.22
CA ASN A 86 27.61 -6.53 -14.79
C ASN A 86 27.72 -6.31 -13.27
N GLN A 87 26.73 -6.75 -12.50
CA GLN A 87 26.72 -6.54 -11.04
C GLN A 87 27.34 -7.75 -10.32
N SER A 88 27.85 -7.52 -9.11
CA SER A 88 28.38 -8.59 -8.22
C SER A 88 27.32 -9.68 -7.99
N GLU A 89 27.74 -10.94 -7.99
CA GLU A 89 26.86 -12.09 -7.67
C GLU A 89 26.70 -12.22 -6.16
N ALA A 90 27.29 -11.37 -5.33
CA ALA A 90 27.17 -11.46 -3.87
C ALA A 90 26.00 -10.62 -3.36
N GLY A 91 25.57 -9.60 -4.10
CA GLY A 91 24.65 -8.59 -3.56
C GLY A 91 23.17 -8.92 -3.71
N SER A 92 22.34 -8.34 -2.87
CA SER A 92 20.86 -8.49 -2.90
C SER A 92 20.28 -7.44 -3.84
N HIS A 93 19.36 -7.88 -4.68
CA HIS A 93 18.67 -7.01 -5.66
C HIS A 93 17.18 -7.28 -5.59
N THR A 94 16.39 -6.36 -6.13
CA THR A 94 14.92 -6.40 -6.04
C THR A 94 14.31 -6.41 -7.44
N LEU A 95 13.38 -7.31 -7.68
CA LEU A 95 12.57 -7.29 -8.93
C LEU A 95 11.11 -7.15 -8.52
N GLN A 96 10.47 -6.06 -8.93
CA GLN A 96 9.05 -5.86 -8.64
C GLN A 96 8.24 -5.93 -9.94
N SER A 97 7.04 -6.47 -9.85
CA SER A 97 6.09 -6.65 -10.97
C SER A 97 4.76 -6.08 -10.52
N MET A 98 4.04 -5.44 -11.43
N MET A 98 4.13 -5.28 -11.36
CA MET A 98 2.74 -4.82 -11.09
CA MET A 98 2.73 -4.84 -11.14
C MET A 98 1.85 -4.90 -12.34
C MET A 98 1.95 -5.13 -12.41
N TYR A 99 0.72 -5.60 -12.27
CA TYR A 99 -0.14 -5.76 -13.46
C TYR A 99 -1.60 -5.80 -13.05
N GLY A 100 -2.46 -5.53 -14.03
CA GLY A 100 -3.92 -5.67 -13.85
C GLY A 100 -4.70 -4.79 -14.79
N CYS A 101 -5.97 -4.59 -14.47
CA CYS A 101 -6.94 -4.01 -15.41
C CYS A 101 -7.77 -2.97 -14.68
N ASP A 102 -8.13 -1.92 -15.41
CA ASP A 102 -9.08 -0.85 -15.01
C ASP A 102 -10.32 -1.08 -15.87
N VAL A 103 -11.49 -1.15 -15.25
CA VAL A 103 -12.77 -1.36 -15.99
C VAL A 103 -13.70 -0.19 -15.65
N GLY A 104 -14.63 0.08 -16.56
CA GLY A 104 -15.70 1.06 -16.31
C GLY A 104 -16.90 0.40 -15.65
N PRO A 105 -17.98 1.19 -15.44
CA PRO A 105 -19.21 0.68 -14.81
C PRO A 105 -19.86 -0.53 -15.48
N ASP A 106 -19.72 -0.64 -16.80
CA ASP A 106 -20.28 -1.77 -17.61
C ASP A 106 -19.35 -2.99 -17.51
N GLY A 107 -18.21 -2.87 -16.82
CA GLY A 107 -17.26 -3.99 -16.66
C GLY A 107 -16.33 -4.17 -17.86
N ARG A 108 -16.34 -3.25 -18.82
CA ARG A 108 -15.45 -3.37 -20.01
C ARG A 108 -14.05 -2.82 -19.68
N LEU A 109 -13.02 -3.34 -20.36
CA LEU A 109 -11.61 -2.94 -20.10
C LEU A 109 -11.40 -1.50 -20.57
N LEU A 110 -10.91 -0.63 -19.69
CA LEU A 110 -10.50 0.75 -20.04
C LEU A 110 -8.99 0.73 -20.31
N ARG A 111 -8.27 0.01 -19.47
CA ARG A 111 -6.81 0.05 -19.60
C ARG A 111 -6.17 -1.18 -18.96
N GLY A 112 -5.14 -1.71 -19.61
CA GLY A 112 -4.36 -2.82 -19.08
C GLY A 112 -3.00 -2.32 -18.66
N HIS A 113 -2.40 -3.02 -17.68
CA HIS A 113 -1.08 -2.67 -17.08
C HIS A 113 -0.23 -3.93 -16.90
N ASP A 114 1.05 -3.87 -17.25
CA ASP A 114 2.00 -4.97 -16.97
C ASP A 114 3.40 -4.36 -16.96
N GLN A 115 3.96 -4.13 -15.79
CA GLN A 115 5.23 -3.39 -15.77
C GLN A 115 6.11 -3.81 -14.59
N TYR A 116 7.37 -3.46 -14.70
CA TYR A 116 8.45 -4.02 -13.85
C TYR A 116 9.44 -2.96 -13.44
N ALA A 117 10.04 -3.13 -12.26
CA ALA A 117 11.12 -2.27 -11.76
C ALA A 117 12.23 -3.15 -11.19
N TYR A 118 13.46 -2.78 -11.46
CA TYR A 118 14.66 -3.46 -10.96
C TYR A 118 15.36 -2.50 -10.01
N ASP A 119 15.58 -2.91 -8.77
CA ASP A 119 16.18 -2.05 -7.73
C ASP A 119 15.47 -0.69 -7.70
N GLY A 120 14.14 -0.71 -7.78
CA GLY A 120 13.31 0.46 -7.50
C GLY A 120 13.19 1.40 -8.68
N LYS A 121 13.78 1.04 -9.82
CA LYS A 121 13.79 1.85 -11.07
C LYS A 121 12.95 1.16 -12.16
N ASP A 122 12.09 1.90 -12.86
CA ASP A 122 11.33 1.35 -14.00
C ASP A 122 12.30 0.65 -14.95
N TYR A 123 11.93 -0.56 -15.40
CA TYR A 123 12.78 -1.41 -16.24
C TYR A 123 12.10 -1.65 -17.58
N ILE A 124 10.93 -2.28 -17.57
CA ILE A 124 10.18 -2.53 -18.85
C ILE A 124 8.70 -2.41 -18.52
N ALA A 125 7.89 -1.96 -19.49
CA ALA A 125 6.43 -1.79 -19.30
C ALA A 125 5.71 -2.13 -20.60
N LEU A 126 4.60 -2.84 -20.49
CA LEU A 126 3.68 -3.04 -21.65
C LEU A 126 2.96 -1.72 -21.93
N ASN A 127 3.00 -1.28 -23.20
CA ASN A 127 2.31 -0.03 -23.59
C ASN A 127 0.80 -0.21 -23.53
N GLU A 128 0.09 0.92 -23.51
CA GLU A 128 -1.38 1.00 -23.46
C GLU A 128 -2.00 0.21 -24.62
N ASP A 129 -1.29 0.03 -25.74
CA ASP A 129 -1.82 -0.76 -26.90
C ASP A 129 -1.83 -2.26 -26.59
N LEU A 130 -1.25 -2.71 -25.45
CA LEU A 130 -1.17 -4.11 -25.00
C LEU A 130 -0.44 -4.96 -26.06
N ARG A 131 0.38 -4.36 -26.92
CA ARG A 131 1.00 -5.09 -28.06
CA ARG A 131 1.04 -5.18 -27.97
C ARG A 131 2.51 -4.81 -28.15
N SER A 132 3.01 -3.77 -27.47
CA SER A 132 4.39 -3.24 -27.61
C SER A 132 4.95 -2.92 -26.22
N TRP A 133 6.27 -2.87 -26.11
CA TRP A 133 7.00 -2.64 -24.84
C TRP A 133 7.75 -1.32 -24.89
N THR A 134 7.90 -0.68 -23.72
CA THR A 134 8.85 0.42 -23.51
C THR A 134 9.95 -0.06 -22.57
N ALA A 135 11.18 -0.04 -23.04
CA ALA A 135 12.40 -0.47 -22.31
C ALA A 135 13.13 0.76 -21.80
N ALA A 136 13.62 0.72 -20.56
CA ALA A 136 14.27 1.88 -19.92
C ALA A 136 15.71 2.05 -20.43
N ASP A 137 16.36 0.99 -20.87
CA ASP A 137 17.81 0.99 -21.21
C ASP A 137 18.18 -0.24 -22.05
N THR A 138 19.45 -0.36 -22.44
CA THR A 138 19.94 -1.46 -23.30
C THR A 138 19.80 -2.83 -22.62
N ALA A 139 19.86 -2.89 -21.27
CA ALA A 139 19.54 -4.13 -20.53
C ALA A 139 18.09 -4.51 -20.81
N ALA A 140 17.20 -3.57 -20.54
CA ALA A 140 15.74 -3.81 -20.74
C ALA A 140 15.46 -4.11 -22.22
N GLN A 141 16.28 -3.64 -23.16
CA GLN A 141 16.10 -4.01 -24.60
CA GLN A 141 16.12 -4.01 -24.61
C GLN A 141 16.45 -5.48 -24.85
N ILE A 142 17.35 -6.09 -24.05
CA ILE A 142 17.61 -7.53 -24.15
C ILE A 142 16.28 -8.24 -23.79
N THR A 143 15.68 -7.83 -22.67
CA THR A 143 14.41 -8.45 -22.22
C THR A 143 13.35 -8.23 -23.32
N GLN A 144 13.27 -7.03 -23.82
CA GLN A 144 12.26 -6.68 -24.85
C GLN A 144 12.39 -7.60 -26.09
N ARG A 145 13.60 -7.82 -26.58
CA ARG A 145 13.78 -8.70 -27.77
C ARG A 145 13.40 -10.13 -27.42
N LYS A 146 13.72 -10.57 -26.21
CA LYS A 146 13.38 -11.93 -25.78
C LYS A 146 11.86 -12.06 -25.77
N TRP A 147 11.18 -11.07 -25.22
CA TRP A 147 9.71 -11.13 -25.00
C TRP A 147 9.00 -10.94 -26.35
N GLU A 148 9.57 -10.18 -27.25
CA GLU A 148 9.02 -10.04 -28.63
C GLU A 148 9.06 -11.40 -29.33
N ALA A 149 10.17 -12.13 -29.23
CA ALA A 149 10.33 -13.44 -29.91
C ALA A 149 9.39 -14.47 -29.30
N ALA A 150 9.13 -14.36 -27.99
CA ALA A 150 8.30 -15.33 -27.24
C ALA A 150 6.81 -14.94 -27.31
N ARG A 151 6.48 -13.82 -27.96
CA ARG A 151 5.08 -13.32 -28.08
C ARG A 151 4.48 -13.10 -26.69
N GLU A 152 5.29 -12.57 -25.76
CA GLU A 152 4.87 -12.29 -24.37
C GLU A 152 3.69 -11.31 -24.37
N ALA A 153 3.70 -10.27 -25.20
CA ALA A 153 2.66 -9.21 -25.15
C ALA A 153 1.29 -9.85 -25.41
N GLU A 154 1.22 -10.80 -26.34
CA GLU A 154 -0.04 -11.50 -26.68
C GLU A 154 -0.56 -12.28 -25.47
N GLN A 155 0.34 -12.91 -24.70
CA GLN A 155 0.00 -13.66 -23.44
C GLN A 155 -0.54 -12.66 -22.40
N ARG A 156 0.11 -11.52 -22.25
CA ARG A 156 -0.34 -10.47 -21.30
C ARG A 156 -1.71 -9.95 -21.73
N ARG A 157 -1.85 -9.64 -23.02
CA ARG A 157 -3.11 -9.06 -23.59
CA ARG A 157 -3.12 -9.04 -23.55
C ARG A 157 -4.28 -10.03 -23.36
N ALA A 158 -4.06 -11.33 -23.60
CA ALA A 158 -5.14 -12.33 -23.43
C ALA A 158 -5.63 -12.33 -21.99
N TYR A 159 -4.71 -12.21 -21.02
CA TYR A 159 -5.06 -12.18 -19.59
C TYR A 159 -5.79 -10.87 -19.27
N LEU A 160 -5.24 -9.74 -19.70
CA LEU A 160 -5.74 -8.40 -19.33
C LEU A 160 -7.16 -8.20 -19.90
N GLU A 161 -7.40 -8.67 -21.13
CA GLU A 161 -8.72 -8.50 -21.79
C GLU A 161 -9.70 -9.60 -21.37
N GLY A 162 -9.21 -10.75 -20.89
CA GLY A 162 -10.01 -11.95 -20.60
C GLY A 162 -10.13 -12.17 -19.11
N GLU A 163 -9.28 -13.04 -18.54
CA GLU A 163 -9.36 -13.45 -17.13
C GLU A 163 -9.39 -12.22 -16.21
N CYS A 164 -8.59 -11.18 -16.47
CA CYS A 164 -8.50 -10.05 -15.51
C CYS A 164 -9.89 -9.41 -15.38
N VAL A 165 -10.48 -9.09 -16.52
CA VAL A 165 -11.83 -8.45 -16.59
C VAL A 165 -12.90 -9.36 -15.99
N GLU A 166 -12.89 -10.65 -16.37
CA GLU A 166 -13.96 -11.60 -15.99
C GLU A 166 -13.88 -11.88 -14.49
N TRP A 167 -12.67 -12.05 -13.93
CA TRP A 167 -12.53 -12.35 -12.49
C TRP A 167 -12.78 -11.07 -11.67
N LEU A 168 -12.37 -9.90 -12.14
CA LEU A 168 -12.70 -8.65 -11.42
C LEU A 168 -14.24 -8.52 -11.34
N ARG A 169 -14.95 -8.76 -12.45
CA ARG A 169 -16.44 -8.69 -12.46
C ARG A 169 -16.99 -9.64 -11.40
N ARG A 170 -16.47 -10.86 -11.35
CA ARG A 170 -16.89 -11.87 -10.35
C ARG A 170 -16.65 -11.36 -8.93
N TYR A 171 -15.46 -10.85 -8.62
CA TYR A 171 -15.15 -10.41 -7.25
C TYR A 171 -16.09 -9.28 -6.85
N LEU A 172 -16.43 -8.41 -7.80
CA LEU A 172 -17.36 -7.27 -7.52
C LEU A 172 -18.76 -7.83 -7.20
N GLU A 173 -19.21 -8.86 -7.94
CA GLU A 173 -20.51 -9.53 -7.68
C GLU A 173 -20.50 -10.10 -6.27
N ASN A 174 -19.42 -10.77 -5.87
CA ASN A 174 -19.35 -11.50 -4.58
C ASN A 174 -19.05 -10.55 -3.41
N GLY A 175 -18.31 -9.45 -3.65
CA GLY A 175 -17.97 -8.47 -2.61
C GLY A 175 -19.10 -7.47 -2.39
N LYS A 176 -19.97 -7.26 -3.38
CA LYS A 176 -21.23 -6.49 -3.27
C LYS A 176 -20.93 -5.14 -2.62
N ASP A 177 -21.52 -4.85 -1.46
CA ASP A 177 -21.52 -3.50 -0.85
C ASP A 177 -20.09 -3.17 -0.38
N LYS A 178 -19.33 -4.18 0.07
CA LYS A 178 -17.93 -3.99 0.57
C LYS A 178 -17.09 -3.35 -0.53
N LEU A 179 -17.34 -3.66 -1.80
CA LEU A 179 -16.50 -3.14 -2.90
C LEU A 179 -17.21 -2.04 -3.71
N GLU A 180 -18.55 -2.04 -3.78
CA GLU A 180 -19.26 -1.12 -4.71
CA GLU A 180 -19.29 -1.12 -4.70
C GLU A 180 -19.72 0.15 -3.98
N ARG A 181 -19.97 0.08 -2.69
CA ARG A 181 -20.52 1.23 -1.90
C ARG A 181 -19.42 1.84 -1.02
N ALA A 182 -19.03 3.06 -1.34
CA ALA A 182 -18.02 3.80 -0.52
C ALA A 182 -18.52 3.98 0.91
N ASP A 183 -17.60 3.91 1.86
CA ASP A 183 -17.84 4.07 3.32
CA ASP A 183 -17.87 4.09 3.31
C ASP A 183 -17.40 5.50 3.66
N PRO A 184 -18.31 6.41 4.03
CA PRO A 184 -17.91 7.78 4.26
C PRO A 184 -17.10 7.91 5.53
N PRO A 185 -16.27 8.98 5.61
CA PRO A 185 -15.55 9.23 6.85
C PRO A 185 -16.48 9.60 8.02
N LYS A 186 -16.11 9.15 9.20
CA LYS A 186 -16.60 9.73 10.47
C LYS A 186 -15.69 10.92 10.75
N THR A 187 -16.23 12.10 11.04
CA THR A 187 -15.47 13.34 11.06
C THR A 187 -15.66 14.02 12.42
N HIS A 188 -14.63 14.71 12.87
CA HIS A 188 -14.72 15.61 14.04
C HIS A 188 -13.59 16.61 14.00
N VAL A 189 -13.77 17.71 14.71
CA VAL A 189 -12.75 18.77 14.88
C VAL A 189 -12.33 18.76 16.33
N THR A 190 -11.02 18.77 16.55
CA THR A 190 -10.43 18.94 17.89
C THR A 190 -9.68 20.26 17.98
N HIS A 191 -9.57 20.74 19.21
CA HIS A 191 -8.96 22.04 19.55
C HIS A 191 -7.91 21.84 20.64
N HIS A 192 -6.72 22.36 20.39
CA HIS A 192 -5.52 22.19 21.25
C HIS A 192 -4.87 23.56 21.44
N PRO A 193 -5.09 24.24 22.58
CA PRO A 193 -4.36 25.47 22.85
C PRO A 193 -2.85 25.20 22.83
N ILE A 194 -2.11 26.08 22.17
CA ILE A 194 -0.62 26.08 22.17
C ILE A 194 -0.14 27.07 23.23
N SER A 195 -0.82 28.20 23.33
CA SER A 195 -0.44 29.36 24.19
C SER A 195 -1.70 30.14 24.48
N ASP A 196 -1.58 31.29 25.14
CA ASP A 196 -2.71 32.23 25.35
C ASP A 196 -3.13 32.88 24.03
N HIS A 197 -2.31 32.80 22.97
CA HIS A 197 -2.60 33.55 21.72
CA HIS A 197 -2.52 33.54 21.70
C HIS A 197 -2.72 32.63 20.50
N GLU A 198 -2.43 31.34 20.64
CA GLU A 198 -2.48 30.40 19.47
C GLU A 198 -3.15 29.10 19.87
N ALA A 199 -3.87 28.48 18.94
CA ALA A 199 -4.46 27.13 19.13
C ALA A 199 -4.44 26.37 17.82
N THR A 200 -4.35 25.06 17.93
CA THR A 200 -4.43 24.14 16.79
C THR A 200 -5.90 23.68 16.65
N LEU A 201 -6.42 23.83 15.44
CA LEU A 201 -7.65 23.11 15.04
C LEU A 201 -7.25 21.92 14.17
N ARG A 202 -7.74 20.74 14.51
CA ARG A 202 -7.40 19.53 13.74
C ARG A 202 -8.73 18.91 13.26
N CYS A 203 -8.83 18.68 11.96
CA CYS A 203 -10.01 18.09 11.29
C CYS A 203 -9.64 16.63 11.01
N TRP A 204 -10.43 15.70 11.56
CA TRP A 204 -10.24 14.24 11.48
C TRP A 204 -11.22 13.62 10.51
N ALA A 205 -10.73 12.69 9.71
CA ALA A 205 -11.55 11.80 8.88
C ALA A 205 -11.14 10.38 9.21
N LEU A 206 -12.05 9.57 9.73
CA LEU A 206 -11.76 8.20 10.18
C LEU A 206 -12.71 7.20 9.56
N GLY A 207 -12.21 6.01 9.30
CA GLY A 207 -13.06 4.87 8.94
C GLY A 207 -13.59 4.95 7.53
N PHE A 208 -12.91 5.61 6.60
CA PHE A 208 -13.43 5.84 5.23
C PHE A 208 -12.81 4.84 4.25
N TYR A 209 -13.56 4.59 3.17
CA TYR A 209 -13.13 3.68 2.09
C TYR A 209 -13.84 4.12 0.82
N PRO A 210 -13.18 4.29 -0.34
CA PRO A 210 -11.76 4.04 -0.54
C PRO A 210 -10.89 5.17 0.03
N ALA A 211 -9.59 5.06 -0.21
CA ALA A 211 -8.59 5.93 0.43
C ALA A 211 -8.66 7.36 -0.10
N GLU A 212 -9.05 7.58 -1.35
CA GLU A 212 -9.10 8.93 -1.94
C GLU A 212 -9.97 9.84 -1.08
N ILE A 213 -9.43 10.98 -0.68
CA ILE A 213 -10.17 11.98 0.13
C ILE A 213 -9.48 13.32 -0.05
N THR A 214 -10.21 14.39 0.24
CA THR A 214 -9.65 15.76 0.29
C THR A 214 -10.15 16.42 1.57
N LEU A 215 -9.20 16.93 2.36
CA LEU A 215 -9.45 17.72 3.59
C LEU A 215 -8.84 19.09 3.37
N THR A 216 -9.60 20.15 3.57
CA THR A 216 -9.03 21.51 3.42
C THR A 216 -9.58 22.37 4.54
N TRP A 217 -8.73 23.19 5.12
CA TRP A 217 -9.18 24.25 6.04
C TRP A 217 -9.40 25.54 5.25
N GLN A 218 -10.49 26.22 5.59
CA GLN A 218 -10.85 27.52 5.00
C GLN A 218 -10.94 28.54 6.12
N ARG A 219 -10.53 29.77 5.81
CA ARG A 219 -10.77 30.94 6.69
C ARG A 219 -11.74 31.82 5.90
N ASP A 220 -12.93 32.08 6.45
CA ASP A 220 -13.98 32.82 5.71
C ASP A 220 -14.16 32.22 4.31
N GLY A 221 -14.21 30.89 4.23
CA GLY A 221 -14.46 30.20 2.94
C GLY A 221 -13.35 30.31 1.92
N GLU A 222 -12.12 30.70 2.30
CA GLU A 222 -10.93 30.70 1.42
C GLU A 222 -9.92 29.64 1.88
N ASP A 223 -9.49 28.74 0.97
CA ASP A 223 -8.50 27.67 1.28
C ASP A 223 -7.23 28.26 1.94
N GLN A 224 -6.74 27.61 3.01
CA GLN A 224 -5.54 27.99 3.79
C GLN A 224 -4.41 27.03 3.39
N THR A 225 -4.14 26.92 2.09
CA THR A 225 -3.25 25.88 1.51
C THR A 225 -1.87 25.99 2.17
N GLN A 226 -1.28 27.19 2.14
CA GLN A 226 0.12 27.39 2.59
C GLN A 226 0.23 27.21 4.12
N ASP A 227 -0.86 27.14 4.90
CA ASP A 227 -0.76 27.10 6.39
C ASP A 227 -1.34 25.81 6.99
N THR A 228 -1.75 24.83 6.18
CA THR A 228 -2.38 23.57 6.65
C THR A 228 -1.34 22.47 6.78
N GLU A 229 -1.26 21.81 7.93
CA GLU A 229 -0.43 20.58 8.09
C GLU A 229 -1.38 19.43 7.75
N LEU A 230 -1.01 18.61 6.78
CA LEU A 230 -1.84 17.52 6.22
C LEU A 230 -1.00 16.25 6.35
N VAL A 231 -1.46 15.24 7.05
CA VAL A 231 -0.74 13.95 7.13
C VAL A 231 -1.16 13.09 5.94
N GLU A 232 -0.25 12.22 5.55
CA GLU A 232 -0.55 11.29 4.45
C GLU A 232 -1.65 10.34 4.90
N THR A 233 -2.53 10.00 3.98
CA THR A 233 -3.60 9.03 4.26
C THR A 233 -2.98 7.71 4.75
N ARG A 234 -3.55 7.13 5.80
CA ARG A 234 -2.94 5.98 6.48
C ARG A 234 -3.99 4.92 6.74
N PRO A 235 -3.60 3.64 6.73
CA PRO A 235 -4.56 2.58 6.98
C PRO A 235 -4.89 2.44 8.47
N ALA A 236 -6.17 2.23 8.78
CA ALA A 236 -6.58 1.97 10.17
C ALA A 236 -6.22 0.56 10.61
N GLY A 237 -6.10 -0.38 9.67
CA GLY A 237 -5.81 -1.78 9.96
C GLY A 237 -7.04 -2.66 9.77
N ASP A 238 -8.22 -2.06 9.55
CA ASP A 238 -9.51 -2.80 9.40
C ASP A 238 -10.06 -2.61 8.00
N ARG A 239 -9.20 -2.32 7.02
CA ARG A 239 -9.50 -2.08 5.58
C ARG A 239 -9.94 -0.64 5.34
N THR A 240 -10.15 0.18 6.38
CA THR A 240 -10.51 1.60 6.17
C THR A 240 -9.29 2.49 6.41
N PHE A 241 -9.45 3.77 6.15
CA PHE A 241 -8.35 4.75 6.12
C PHE A 241 -8.65 5.91 7.07
N GLN A 242 -7.58 6.66 7.36
CA GLN A 242 -7.59 7.87 8.22
C GLN A 242 -6.83 8.99 7.58
N LYS A 243 -7.20 10.21 7.91
CA LYS A 243 -6.45 11.39 7.52
C LYS A 243 -6.82 12.51 8.48
N TRP A 244 -5.91 13.44 8.68
CA TRP A 244 -6.24 14.70 9.37
C TRP A 244 -5.51 15.87 8.76
N ALA A 245 -6.08 17.05 8.98
CA ALA A 245 -5.55 18.32 8.54
C ALA A 245 -5.60 19.28 9.72
N ALA A 246 -4.55 20.05 9.94
CA ALA A 246 -4.50 20.97 11.10
C ALA A 246 -4.10 22.36 10.65
N VAL A 247 -4.61 23.36 11.36
CA VAL A 247 -4.24 24.79 11.15
C VAL A 247 -4.02 25.39 12.55
N VAL A 248 -3.00 26.25 12.66
CA VAL A 248 -2.80 27.05 13.89
C VAL A 248 -3.43 28.42 13.66
N VAL A 249 -4.28 28.82 14.62
CA VAL A 249 -5.14 30.01 14.50
C VAL A 249 -4.97 30.89 15.74
N PRO A 250 -5.22 32.20 15.62
CA PRO A 250 -5.23 33.04 16.81
C PRO A 250 -6.38 32.66 17.73
N SER A 251 -6.09 32.65 19.01
CA SER A 251 -7.10 32.37 20.04
C SER A 251 -8.25 33.35 19.89
N GLY A 252 -9.48 32.85 19.91
CA GLY A 252 -10.68 33.67 19.73
C GLY A 252 -11.13 33.87 18.29
N GLU A 253 -10.35 33.41 17.28
CA GLU A 253 -10.69 33.49 15.85
C GLU A 253 -11.13 32.13 15.30
N GLU A 254 -11.26 31.10 16.15
CA GLU A 254 -11.63 29.74 15.67
C GLU A 254 -12.92 29.74 14.84
N GLN A 255 -13.90 30.60 15.15
CA GLN A 255 -15.21 30.65 14.44
CA GLN A 255 -15.20 30.58 14.44
C GLN A 255 -15.03 30.95 12.95
N ARG A 256 -13.91 31.57 12.54
CA ARG A 256 -13.68 31.97 11.12
CA ARG A 256 -13.68 31.99 11.13
C ARG A 256 -13.29 30.75 10.28
N TYR A 257 -13.00 29.62 10.92
CA TYR A 257 -12.39 28.46 10.25
C TYR A 257 -13.38 27.33 10.07
N THR A 258 -13.35 26.73 8.88
CA THR A 258 -14.19 25.55 8.58
C THR A 258 -13.30 24.52 7.87
N CYS A 259 -13.58 23.26 8.13
CA CYS A 259 -12.91 22.11 7.46
C CYS A 259 -13.86 21.56 6.41
N HIS A 260 -13.35 21.37 5.20
CA HIS A 260 -14.14 20.89 4.04
C HIS A 260 -13.66 19.48 3.72
N VAL A 261 -14.59 18.56 3.67
CA VAL A 261 -14.31 17.11 3.46
C VAL A 261 -15.00 16.68 2.17
N GLN A 262 -14.21 16.14 1.24
CA GLN A 262 -14.72 15.56 -0.01
C GLN A 262 -14.38 14.08 0.00
N HIS A 263 -15.38 13.22 -0.09
CA HIS A 263 -15.21 11.76 -0.18
C HIS A 263 -16.35 11.17 -0.99
N GLU A 264 -16.11 10.14 -1.79
CA GLU A 264 -17.14 9.46 -2.64
C GLU A 264 -18.29 8.95 -1.77
N GLY A 265 -18.08 8.56 -0.52
CA GLY A 265 -19.09 7.99 0.38
C GLY A 265 -20.07 9.03 0.94
N LEU A 266 -19.69 10.32 0.90
CA LEU A 266 -20.54 11.42 1.43
C LEU A 266 -21.62 11.74 0.40
N PRO A 267 -22.86 11.92 0.88
CA PRO A 267 -23.93 12.45 0.01
C PRO A 267 -23.52 13.79 -0.63
N LYS A 268 -22.94 14.69 0.17
CA LYS A 268 -22.39 15.96 -0.34
C LYS A 268 -21.17 16.32 0.50
N PRO A 269 -20.28 17.20 -0.02
CA PRO A 269 -19.10 17.64 0.72
C PRO A 269 -19.57 18.18 2.08
N LEU A 270 -18.79 17.88 3.10
CA LEU A 270 -19.07 18.31 4.49
C LEU A 270 -18.31 19.58 4.77
N THR A 271 -18.95 20.45 5.56
CA THR A 271 -18.36 21.63 6.20
C THR A 271 -18.45 21.33 7.69
N LEU A 272 -17.30 21.32 8.35
CA LEU A 272 -17.19 21.10 9.80
C LEU A 272 -16.60 22.33 10.48
N ARG A 273 -16.87 22.41 11.77
CA ARG A 273 -16.26 23.47 12.60
CA ARG A 273 -16.45 23.53 12.66
C ARG A 273 -16.07 22.94 14.02
N TRP A 274 -15.35 23.71 14.83
CA TRP A 274 -15.13 23.36 16.22
C TRP A 274 -16.44 23.53 16.99
N GLU A 275 -17.04 22.39 17.38
CA GLU A 275 -18.36 22.40 18.07
C GLU A 275 -18.56 21.07 18.77
N MET B 1 22.17 2.33 -6.73
CA MET B 1 20.84 1.69 -6.63
C MET B 1 19.87 2.65 -5.90
N ILE B 2 18.57 2.58 -6.17
CA ILE B 2 17.60 3.51 -5.51
C ILE B 2 17.57 3.18 -4.01
N GLN B 3 17.63 4.20 -3.18
CA GLN B 3 17.39 4.08 -1.72
C GLN B 3 16.43 5.22 -1.36
N ARG B 4 15.30 4.91 -0.75
CA ARG B 4 14.30 5.89 -0.31
CA ARG B 4 14.27 5.87 -0.30
C ARG B 4 14.06 5.70 1.20
N THR B 5 14.09 6.80 1.93
CA THR B 5 13.96 6.82 3.41
C THR B 5 12.51 6.59 3.80
N PRO B 6 12.20 5.73 4.79
CA PRO B 6 10.81 5.52 5.20
C PRO B 6 10.21 6.76 5.85
N LYS B 7 8.94 7.00 5.52
CA LYS B 7 8.03 7.86 6.26
C LYS B 7 7.41 7.02 7.37
N ILE B 8 7.17 7.61 8.53
CA ILE B 8 6.66 6.90 9.69
C ILE B 8 5.49 7.70 10.28
N GLN B 9 4.39 7.01 10.52
CA GLN B 9 3.31 7.55 11.36
C GLN B 9 2.97 6.50 12.41
N VAL B 10 2.74 6.93 13.66
CA VAL B 10 2.32 6.07 14.79
C VAL B 10 1.01 6.63 15.32
N TYR B 11 0.04 5.76 15.52
CA TYR B 11 -1.36 6.21 15.75
C TYR B 11 -2.16 5.00 16.18
N SER B 12 -3.34 5.25 16.73
CA SER B 12 -4.28 4.18 17.14
C SER B 12 -5.36 4.00 16.06
N ARG B 13 -5.90 2.80 15.99
CA ARG B 13 -6.98 2.47 15.02
C ARG B 13 -8.21 3.32 15.34
N HIS B 14 -8.55 3.44 16.61
CA HIS B 14 -9.71 4.22 17.10
C HIS B 14 -9.23 5.33 18.02
N PRO B 15 -9.99 6.45 18.17
CA PRO B 15 -9.58 7.48 19.10
C PRO B 15 -9.38 6.82 20.48
N ALA B 16 -8.27 7.12 21.13
CA ALA B 16 -7.86 6.47 22.39
C ALA B 16 -8.84 6.85 23.51
N GLU B 17 -9.22 5.87 24.31
CA GLU B 17 -9.90 6.11 25.60
C GLU B 17 -9.30 5.14 26.62
N ASN B 18 -8.75 5.68 27.70
CA ASN B 18 -8.00 4.91 28.72
C ASN B 18 -8.89 3.74 29.15
N GLY B 19 -8.28 2.55 29.24
CA GLY B 19 -8.92 1.30 29.68
C GLY B 19 -9.73 0.60 28.61
N LYS B 20 -9.80 1.13 27.37
CA LYS B 20 -10.62 0.51 26.29
C LYS B 20 -9.68 -0.09 25.23
N SER B 21 -9.85 -1.39 24.94
CA SER B 21 -9.09 -2.17 23.93
C SER B 21 -9.04 -1.40 22.59
N ASN B 22 -7.86 -1.40 21.96
CA ASN B 22 -7.59 -0.62 20.72
C ASN B 22 -6.49 -1.34 19.96
N PHE B 23 -6.04 -0.77 18.84
CA PHE B 23 -4.82 -1.24 18.13
C PHE B 23 -3.86 -0.07 18.00
N LEU B 24 -2.59 -0.35 18.27
CA LEU B 24 -1.47 0.58 18.06
C LEU B 24 -0.83 0.24 16.69
N ASN B 25 -0.81 1.24 15.83
CA ASN B 25 -0.29 1.15 14.45
C ASN B 25 1.02 1.92 14.31
N CYS B 26 1.93 1.34 13.54
CA CYS B 26 3.09 2.05 13.01
C CYS B 26 3.13 1.78 11.51
N TYR B 27 2.83 2.81 10.72
CA TYR B 27 2.74 2.76 9.26
C TYR B 27 4.06 3.28 8.69
N VAL B 28 4.79 2.42 7.99
CA VAL B 28 6.07 2.80 7.34
CA VAL B 28 6.08 2.77 7.36
C VAL B 28 5.85 2.75 5.84
N SER B 29 6.21 3.80 5.14
CA SER B 29 5.90 3.88 3.72
C SER B 29 6.97 4.64 2.96
N GLY B 30 6.94 4.55 1.65
CA GLY B 30 7.82 5.33 0.79
C GLY B 30 9.27 4.88 0.82
N PHE B 31 9.55 3.62 1.22
CA PHE B 31 10.94 3.17 1.42
C PHE B 31 11.36 2.21 0.31
N HIS B 32 12.67 2.11 0.13
CA HIS B 32 13.31 1.18 -0.81
C HIS B 32 14.77 1.08 -0.38
N PRO B 33 15.39 -0.11 -0.30
CA PRO B 33 14.80 -1.41 -0.59
C PRO B 33 13.88 -1.85 0.57
N SER B 34 13.30 -3.05 0.46
CA SER B 34 12.21 -3.50 1.34
C SER B 34 12.72 -3.97 2.71
N ASP B 35 14.00 -4.31 2.85
CA ASP B 35 14.57 -4.76 4.15
C ASP B 35 14.37 -3.65 5.17
N ILE B 36 13.62 -3.93 6.24
CA ILE B 36 13.35 -2.90 7.27
C ILE B 36 13.09 -3.62 8.59
N GLU B 37 13.43 -2.96 9.70
N GLU B 37 13.47 -2.97 9.69
CA GLU B 37 13.18 -3.45 11.06
CA GLU B 37 13.16 -3.45 11.05
C GLU B 37 12.26 -2.45 11.75
C GLU B 37 12.22 -2.43 11.70
N VAL B 38 11.12 -2.92 12.24
CA VAL B 38 10.14 -2.07 12.93
C VAL B 38 9.78 -2.77 14.22
N ASP B 39 9.94 -2.06 15.33
CA ASP B 39 9.49 -2.54 16.64
C ASP B 39 8.52 -1.54 17.24
N LEU B 40 7.49 -2.06 17.91
CA LEU B 40 6.62 -1.23 18.76
C LEU B 40 7.17 -1.34 20.19
N LEU B 41 7.30 -0.18 20.84
CA LEU B 41 7.86 -0.05 22.22
C LEU B 41 6.75 0.36 23.19
N LYS B 42 6.70 -0.31 24.33
CA LYS B 42 5.85 0.11 25.48
C LYS B 42 6.80 0.48 26.63
N ASN B 43 6.82 1.75 27.03
CA ASN B 43 7.74 2.27 28.06
C ASN B 43 9.18 1.89 27.72
N GLY B 44 9.58 2.01 26.45
CA GLY B 44 10.97 1.77 26.01
C GLY B 44 11.27 0.30 25.69
N GLU B 45 10.40 -0.64 26.01
CA GLU B 45 10.68 -2.09 25.87
C GLU B 45 9.95 -2.63 24.66
N ARG B 46 10.59 -3.52 23.92
CA ARG B 46 10.01 -4.12 22.69
C ARG B 46 8.76 -4.92 23.05
N ILE B 47 7.65 -4.65 22.37
CA ILE B 47 6.39 -5.44 22.46
C ILE B 47 6.55 -6.71 21.62
N GLU B 48 6.12 -7.87 22.13
N GLU B 48 6.18 -7.86 22.19
CA GLU B 48 6.23 -9.16 21.40
CA GLU B 48 6.52 -9.21 21.65
C GLU B 48 4.94 -9.43 20.62
C GLU B 48 5.52 -9.65 20.58
N LYS B 49 4.99 -10.30 19.61
N LYS B 49 4.21 -9.52 20.86
CA LYS B 49 3.81 -10.81 18.88
CA LYS B 49 3.09 -9.87 19.94
C LYS B 49 3.25 -9.69 18.00
C LYS B 49 2.85 -8.68 19.01
N VAL B 50 4.07 -8.69 17.66
N VAL B 50 3.63 -8.60 17.94
CA VAL B 50 3.63 -7.54 16.80
CA VAL B 50 3.41 -7.58 16.87
C VAL B 50 3.43 -8.14 15.40
C VAL B 50 3.26 -8.30 15.53
N GLU B 51 2.29 -7.86 14.76
CA GLU B 51 1.99 -8.39 13.41
C GLU B 51 2.24 -7.27 12.41
N HIS B 52 2.36 -7.68 11.16
CA HIS B 52 2.46 -6.68 10.08
C HIS B 52 1.66 -7.14 8.86
N SER B 53 1.32 -6.17 8.06
CA SER B 53 0.65 -6.39 6.76
C SER B 53 1.60 -7.06 5.80
N ASP B 54 1.03 -7.57 4.72
CA ASP B 54 1.79 -8.20 3.63
C ASP B 54 2.51 -7.12 2.82
N LEU B 55 3.76 -7.37 2.48
CA LEU B 55 4.59 -6.39 1.73
C LEU B 55 3.88 -5.99 0.43
N SER B 56 3.67 -4.70 0.27
CA SER B 56 2.93 -4.05 -0.84
CA SER B 56 3.03 -4.13 -0.93
C SER B 56 3.76 -2.85 -1.30
N PHE B 57 3.39 -2.23 -2.40
CA PHE B 57 4.10 -1.01 -2.84
C PHE B 57 3.16 -0.13 -3.64
N SER B 58 3.60 1.11 -3.74
CA SER B 58 2.90 2.23 -4.42
C SER B 58 3.27 2.31 -5.90
N LYS B 59 2.61 3.20 -6.63
CA LYS B 59 2.85 3.35 -8.08
C LYS B 59 4.32 3.71 -8.36
N ASP B 60 5.03 4.40 -7.46
CA ASP B 60 6.45 4.77 -7.63
C ASP B 60 7.38 3.63 -7.19
N TRP B 61 6.82 2.44 -6.92
CA TRP B 61 7.56 1.21 -6.54
C TRP B 61 7.99 1.25 -5.07
N SER B 62 7.76 2.33 -4.33
CA SER B 62 8.19 2.39 -2.91
C SER B 62 7.28 1.50 -2.06
N PHE B 63 7.85 0.85 -1.08
CA PHE B 63 7.17 -0.13 -0.23
C PHE B 63 6.38 0.54 0.89
N TYR B 64 5.39 -0.19 1.39
CA TYR B 64 4.69 0.21 2.63
C TYR B 64 4.28 -1.04 3.42
N LEU B 65 4.32 -0.89 4.74
CA LEU B 65 3.93 -1.91 5.72
C LEU B 65 3.21 -1.24 6.89
N LEU B 66 2.22 -1.93 7.42
CA LEU B 66 1.56 -1.54 8.69
C LEU B 66 1.98 -2.57 9.74
N TYR B 67 2.62 -2.11 10.83
CA TYR B 67 2.93 -2.93 12.03
C TYR B 67 1.88 -2.59 13.08
N TYR B 68 1.34 -3.59 13.74
CA TYR B 68 0.23 -3.34 14.69
C TYR B 68 0.18 -4.36 15.81
N THR B 69 -0.37 -3.90 16.92
CA THR B 69 -0.62 -4.76 18.09
C THR B 69 -1.89 -4.27 18.79
N GLU B 70 -2.64 -5.22 19.33
CA GLU B 70 -3.78 -4.92 20.23
C GLU B 70 -3.21 -4.36 21.53
N PHE B 71 -3.82 -3.30 22.05
CA PHE B 71 -3.35 -2.68 23.31
C PHE B 71 -4.48 -1.90 23.97
N THR B 72 -4.37 -1.73 25.29
CA THR B 72 -5.30 -0.88 26.07
C THR B 72 -4.55 0.36 26.54
N PRO B 73 -4.80 1.55 25.94
CA PRO B 73 -4.10 2.77 26.36
C PRO B 73 -4.44 3.14 27.82
N THR B 74 -3.46 3.73 28.53
CA THR B 74 -3.61 4.32 29.89
C THR B 74 -3.06 5.75 29.90
N GLU B 75 -3.20 6.45 31.03
CA GLU B 75 -2.61 7.79 31.21
C GLU B 75 -1.09 7.71 31.12
N LYS B 76 -0.50 6.70 31.77
CA LYS B 76 0.93 6.71 32.13
C LYS B 76 1.76 6.01 31.04
N ASP B 77 1.18 5.02 30.34
CA ASP B 77 1.92 4.13 29.40
C ASP B 77 2.37 4.93 28.18
N GLU B 78 3.65 4.82 27.85
CA GLU B 78 4.27 5.55 26.71
C GLU B 78 4.51 4.52 25.62
N TYR B 79 4.11 4.86 24.39
CA TYR B 79 4.26 3.95 23.22
C TYR B 79 5.06 4.68 22.17
N ALA B 80 5.76 3.89 21.35
CA ALA B 80 6.59 4.43 20.27
C ALA B 80 6.81 3.31 19.24
N CYS B 81 7.32 3.75 18.10
CA CYS B 81 7.75 2.88 17.00
C CYS B 81 9.23 3.19 16.75
N ARG B 82 10.04 2.15 16.60
CA ARG B 82 11.48 2.24 16.30
C ARG B 82 11.74 1.58 14.95
N VAL B 83 12.31 2.32 14.02
CA VAL B 83 12.54 1.86 12.64
C VAL B 83 14.04 1.90 12.36
N ASN B 84 14.54 0.84 11.76
CA ASN B 84 15.92 0.76 11.23
C ASN B 84 15.82 0.42 9.75
N HIS B 85 16.60 1.10 8.94
CA HIS B 85 16.62 0.92 7.47
C HIS B 85 17.99 1.37 7.00
N VAL B 86 18.42 0.89 5.84
CA VAL B 86 19.78 1.25 5.35
C VAL B 86 19.91 2.77 5.19
N THR B 87 18.81 3.47 4.95
CA THR B 87 18.87 4.93 4.74
C THR B 87 19.00 5.71 6.05
N LEU B 88 18.85 5.06 7.20
CA LEU B 88 18.86 5.84 8.47
C LEU B 88 20.22 5.67 9.15
N SER B 89 20.90 6.72 9.57
CA SER B 89 22.22 6.52 10.23
C SER B 89 22.04 5.94 11.64
N GLN B 90 20.90 6.20 12.25
CA GLN B 90 20.56 5.60 13.55
C GLN B 90 19.07 5.25 13.51
N PRO B 91 18.58 4.45 14.46
CA PRO B 91 17.17 4.09 14.47
C PRO B 91 16.32 5.34 14.65
N LYS B 92 15.18 5.37 13.96
CA LYS B 92 14.26 6.51 14.08
C LYS B 92 13.15 6.09 15.04
N ILE B 93 12.94 6.86 16.10
CA ILE B 93 11.92 6.58 17.11
C ILE B 93 10.87 7.68 17.00
N VAL B 94 9.63 7.26 16.79
CA VAL B 94 8.47 8.18 16.74
C VAL B 94 7.53 7.79 17.86
N LYS B 95 7.23 8.75 18.74
CA LYS B 95 6.38 8.52 19.92
C LYS B 95 4.92 8.58 19.52
N TRP B 96 4.09 7.77 20.15
CA TRP B 96 2.63 7.82 19.97
C TRP B 96 2.10 9.06 20.69
N ASP B 97 1.36 9.89 19.96
CA ASP B 97 0.57 11.01 20.52
C ASP B 97 -0.89 10.73 20.20
N ARG B 98 -1.73 10.54 21.22
CA ARG B 98 -3.14 10.15 21.01
C ARG B 98 -3.91 11.24 20.23
N ASP B 99 -3.36 12.45 20.11
CA ASP B 99 -4.03 13.58 19.38
C ASP B 99 -3.52 13.67 17.94
N MET B 100 -2.74 12.69 17.47
CA MET B 100 -2.20 12.70 16.09
C MET B 100 -2.26 11.30 15.46
N GLU C 1 -7.90 -13.41 -10.31
CA GLU C 1 -6.92 -14.53 -10.27
C GLU C 1 -5.66 -14.05 -10.99
N PRO C 2 -4.49 -14.55 -10.58
CA PRO C 2 -3.25 -14.11 -11.19
C PRO C 2 -3.04 -14.66 -12.60
N ARG C 3 -2.21 -13.96 -13.34
CA ARG C 3 -1.75 -14.33 -14.67
C ARG C 3 -0.79 -15.50 -14.50
O1 E7P C 4 -1.91 -19.62 -19.05
O2 E7P C 4 -3.24 -21.01 -17.47
C1 E7P C 4 -1.56 -19.20 -16.52
C E7P C 4 1.58 -16.98 -15.98
CA E7P C 4 0.18 -17.55 -15.68
C2 E7P C 4 -0.18 -18.58 -16.75
O E7P C 4 1.72 -15.79 -16.29
N E7P C 4 -0.84 -16.48 -15.68
P E7P C 4 -1.91 -20.41 -17.80
O3 E7P C 4 -0.80 -21.41 -17.75
N PRO C 5 2.60 -17.77 -15.29
CA PRO C 5 3.98 -17.21 -15.32
C PRO C 5 4.49 -16.73 -16.68
N SER C 6 5.25 -15.63 -16.60
CA SER C 6 5.98 -14.98 -17.70
C SER C 6 7.16 -15.88 -18.11
N HIS C 7 7.68 -15.70 -19.31
CA HIS C 7 9.09 -16.02 -19.64
C HIS C 7 9.99 -15.18 -18.72
N SER C 8 11.19 -15.68 -18.45
CA SER C 8 12.18 -14.93 -17.68
C SER C 8 12.62 -13.72 -18.47
N MET C 9 13.17 -12.73 -17.78
CA MET C 9 13.72 -11.49 -18.41
C MET C 9 15.09 -11.77 -19.03
C1 GOL D . -2.91 -1.06 -3.54
O1 GOL D . -1.83 -0.17 -3.25
C2 GOL D . -4.20 -0.32 -3.89
O2 GOL D . -4.55 0.58 -2.83
C3 GOL D . -4.11 0.41 -5.22
O3 GOL D . -3.84 -0.49 -6.30
C1 GOL E . -13.14 -2.73 2.15
O1 GOL E . -13.54 -3.55 1.05
C2 GOL E . -14.31 -2.40 3.04
O2 GOL E . -15.36 -1.82 2.26
C3 GOL E . -13.96 -1.47 4.17
O3 GOL E . -14.78 -1.72 5.31
C1 GOL F . 0.42 8.47 26.53
O1 GOL F . 1.83 8.45 26.39
C2 GOL F . -0.17 9.71 25.91
O2 GOL F . -1.53 9.84 26.31
C3 GOL F . -0.07 9.72 24.39
O3 GOL F . -0.48 10.96 23.83
C1 GOL G . 0.92 12.13 12.36
O1 GOL G . 1.51 11.90 11.08
C2 GOL G . 1.41 11.12 13.36
O2 GOL G . 0.78 9.86 13.13
C3 GOL G . 2.91 10.95 13.34
O3 GOL G . 3.30 9.78 14.02
NA NA H . 20.45 2.08 9.52
#